data_5ODT
#
_entry.id   5ODT
#
_cell.length_a   137.040
_cell.length_b   137.040
_cell.length_c   137.040
_cell.angle_alpha   90.00
_cell.angle_beta   90.00
_cell.angle_gamma   90.00
#
_symmetry.space_group_name_H-M   'I 2 3'
#
loop_
_entity.id
_entity.type
_entity.pdbx_description
1 polymer 'Aurora kinase A'
2 polymer 'Transforming acidic coiled-coil-containing protein 3'
3 non-polymer "ADENOSINE-5'-DIPHOSPHATE"
4 non-polymer GLYCEROL
5 non-polymer 'SULFATE ION'
6 water water
#
loop_
_entity_poly.entity_id
_entity_poly.type
_entity_poly.pdbx_seq_one_letter_code
_entity_poly.pdbx_strand_id
1 'polypeptide(L)'
;MESKKRQWALEDFEIGRPLGKGKFGNVYLAREKQSKFILALKVLFKAQLEKAGVEHQLRREVEIQSHLRHPNILRLYGYF
HDATRVYLILEYAPLGTVYRELQKLSKFDEQRTATYITELANALSYCHSKRVIHRDIKPENLLLGSAGELKIANFGWSVH
APSSRRTTLAGTLDYLPPEMIEGRMHDEKVDLWSLGVLCYEFLVGKPPFEANTYQETYKRISRVEFTFPDFVTEGARDLI
SRLLKHNPSQRPMLREVLEHPWITANSSKPSNAQNKESASKQS
;
A
2 'polypeptide(L)' MELKEESFRDPAEVLGTGAEVDYLEQFGTSSFKESALRKQSLYLKF B
#
# COMPACT_ATOMS: atom_id res chain seq x y z
N ARG A 6 -23.44 12.18 15.08
CA ARG A 6 -23.06 10.85 14.62
C ARG A 6 -21.55 10.74 14.36
N GLN A 7 -20.88 9.95 15.18
CA GLN A 7 -19.45 9.72 15.04
C GLN A 7 -19.18 8.26 14.69
N TRP A 8 -18.05 7.98 14.05
CA TRP A 8 -17.63 6.59 13.86
C TRP A 8 -17.34 5.96 15.21
N ALA A 9 -17.68 4.68 15.38
CA ALA A 9 -17.40 3.97 16.64
C ALA A 9 -16.96 2.53 16.37
N LEU A 10 -16.14 1.97 17.26
CA LEU A 10 -15.73 0.59 17.13
C LEU A 10 -16.95 -0.33 17.08
N GLU A 11 -18.02 0.07 17.76
CA GLU A 11 -19.28 -0.66 17.72
C GLU A 11 -19.86 -0.83 16.29
N ASP A 12 -19.47 0.05 15.38
CA ASP A 12 -19.98 -0.01 14.00
C ASP A 12 -19.42 -1.19 13.19
N PHE A 13 -18.42 -1.89 13.74
CA PHE A 13 -17.65 -2.86 12.96
C PHE A 13 -17.58 -4.25 13.56
N GLU A 14 -17.46 -5.24 12.69
CA GLU A 14 -17.02 -6.57 13.09
C GLU A 14 -15.68 -6.86 12.42
N ILE A 15 -14.86 -7.69 13.05
CA ILE A 15 -13.45 -7.81 12.66
C ILE A 15 -13.11 -9.22 12.24
N GLY A 16 -12.50 -9.35 11.07
CA GLY A 16 -12.10 -10.64 10.53
C GLY A 16 -10.61 -10.91 10.70
N ARG A 17 -10.06 -11.70 9.79
CA ARG A 17 -8.66 -12.12 9.90
C ARG A 17 -7.67 -10.97 9.72
N PRO A 18 -6.47 -11.09 10.33
CA PRO A 18 -5.41 -10.09 10.18
C PRO A 18 -4.83 -10.12 8.78
N LEU A 19 -4.51 -8.94 8.26
CA LEU A 19 -3.89 -8.78 6.95
C LEU A 19 -2.42 -8.45 7.07
N GLY A 20 -2.03 -7.89 8.22
CA GLY A 20 -0.65 -7.58 8.48
C GLY A 20 -0.49 -7.15 9.93
N LYS A 21 0.70 -7.34 10.47
CA LYS A 21 1.02 -6.87 11.81
C LYS A 21 2.40 -6.21 11.83
N GLY A 22 2.56 -5.22 12.70
CA GLY A 22 3.80 -4.48 12.82
C GLY A 22 3.92 -3.84 14.19
N LYS A 23 5.01 -3.13 14.43
CA LYS A 23 5.28 -2.56 15.76
C LYS A 23 4.23 -1.52 16.12
N PHE A 24 3.71 -0.83 15.11
CA PHE A 24 2.74 0.24 15.34
C PHE A 24 1.30 -0.29 15.49
N GLY A 25 1.06 -1.53 15.11
CA GLY A 25 -0.30 -2.06 15.19
C GLY A 25 -0.61 -3.19 14.23
N ASN A 26 -1.90 -3.34 13.93
CA ASN A 26 -2.42 -4.42 13.10
C ASN A 26 -3.39 -3.93 12.04
N VAL A 27 -3.45 -4.64 10.91
CA VAL A 27 -4.48 -4.41 9.89
C VAL A 27 -5.37 -5.63 9.80
N TYR A 28 -6.69 -5.42 9.85
CA TYR A 28 -7.64 -6.53 9.75
C TYR A 28 -8.59 -6.37 8.58
N LEU A 29 -9.00 -7.50 8.00
CA LEU A 29 -10.23 -7.53 7.22
C LEU A 29 -11.36 -7.19 8.19
N ALA A 30 -12.33 -6.39 7.74
CA ALA A 30 -13.44 -6.03 8.61
C ALA A 30 -14.69 -5.71 7.81
N ARG A 31 -15.75 -5.44 8.54
CA ARG A 31 -17.07 -5.30 7.94
C ARG A 31 -17.90 -4.32 8.76
N GLU A 32 -18.45 -3.30 8.12
CA GLU A 32 -19.37 -2.40 8.80
C GLU A 32 -20.66 -3.15 9.08
N LYS A 33 -21.10 -3.14 10.34
CA LYS A 33 -22.22 -3.99 10.76
C LYS A 33 -23.54 -3.73 10.05
N GLN A 34 -23.92 -2.45 9.93
CA GLN A 34 -25.22 -2.15 9.35
C GLN A 34 -25.29 -2.54 7.86
N SER A 35 -24.28 -2.13 7.10
CA SER A 35 -24.30 -2.34 5.65
C SER A 35 -23.79 -3.71 5.22
N LYS A 36 -22.99 -4.35 6.08
CA LYS A 36 -22.21 -5.54 5.76
C LYS A 36 -21.17 -5.23 4.67
N PHE A 37 -20.81 -3.96 4.53
CA PHE A 37 -19.77 -3.55 3.57
C PHE A 37 -18.41 -4.02 4.06
N ILE A 38 -17.69 -4.72 3.19
CA ILE A 38 -16.37 -5.23 3.57
C ILE A 38 -15.28 -4.18 3.34
N LEU A 39 -14.39 -4.05 4.34
CA LEU A 39 -13.32 -3.05 4.28
C LEU A 39 -12.11 -3.52 5.10
N ALA A 40 -11.13 -2.64 5.30
CA ALA A 40 -10.01 -2.98 6.16
C ALA A 40 -9.94 -1.98 7.31
N LEU A 41 -9.64 -2.50 8.49
CA LEU A 41 -9.51 -1.69 9.68
C LEU A 41 -8.05 -1.73 10.11
N LYS A 42 -7.38 -0.59 10.05
CA LYS A 42 -6.01 -0.50 10.51
C LYS A 42 -6.04 0.02 11.94
N VAL A 43 -5.38 -0.69 12.85
CA VAL A 43 -5.47 -0.43 14.28
C VAL A 43 -4.09 -0.09 14.84
N LEU A 44 -3.92 1.14 15.32
CA LEU A 44 -2.60 1.65 15.71
C LEU A 44 -2.52 1.86 17.22
N PHE A 45 -1.44 1.41 17.84
CA PHE A 45 -1.23 1.59 19.29
C PHE A 45 -0.80 3.00 19.64
N LYS A 46 -1.62 3.71 20.41
CA LYS A 46 -1.27 5.06 20.86
C LYS A 46 0.09 5.11 21.55
N ALA A 47 0.39 4.08 22.34
CA ALA A 47 1.63 4.04 23.11
C ALA A 47 2.82 4.10 22.18
N GLN A 48 2.77 3.33 21.09
CA GLN A 48 3.89 3.30 20.14
C GLN A 48 4.00 4.58 19.33
N LEU A 49 2.86 5.18 19.01
CA LEU A 49 2.82 6.43 18.26
C LEU A 49 3.44 7.55 19.08
N GLU A 50 3.00 7.65 20.32
CA GLU A 50 3.52 8.65 21.26
C GLU A 50 5.02 8.43 21.50
N LYS A 51 5.40 7.18 21.75
CA LYS A 51 6.79 6.82 21.93
C LYS A 51 7.66 7.20 20.73
N ALA A 52 7.05 7.22 19.54
CA ALA A 52 7.79 7.57 18.33
C ALA A 52 7.70 9.07 18.04
N GLY A 53 6.84 9.76 18.77
CA GLY A 53 6.64 11.19 18.59
C GLY A 53 6.00 11.58 17.26
N VAL A 54 5.19 10.68 16.70
CA VAL A 54 4.64 10.91 15.36
C VAL A 54 3.17 11.28 15.36
N GLU A 55 2.67 11.79 16.48
CA GLU A 55 1.25 12.08 16.60
C GLU A 55 0.83 13.20 15.66
N HIS A 56 1.67 14.22 15.58
CA HIS A 56 1.41 15.31 14.66
C HIS A 56 1.44 14.80 13.23
N GLN A 57 2.45 14.01 12.91
CA GLN A 57 2.64 13.49 11.56
C GLN A 57 1.47 12.60 11.12
N LEU A 58 1.03 11.73 12.03
CA LEU A 58 -0.14 10.88 11.79
C LEU A 58 -1.39 11.69 11.41
N ARG A 59 -1.72 12.69 12.22
CA ARG A 59 -2.87 13.53 11.95
C ARG A 59 -2.79 14.16 10.56
N ARG A 60 -1.59 14.62 10.19
CA ARG A 60 -1.41 15.24 8.89
C ARG A 60 -1.64 14.22 7.77
N GLU A 61 -1.02 13.05 7.90
CA GLU A 61 -1.18 12.03 6.86
C GLU A 61 -2.64 11.60 6.69
N VAL A 62 -3.38 11.41 7.79
CA VAL A 62 -4.74 10.90 7.64
C VAL A 62 -5.62 11.99 7.06
N GLU A 63 -5.32 13.24 7.40
CA GLU A 63 -6.05 14.38 6.87
C GLU A 63 -5.88 14.44 5.36
N ILE A 64 -4.65 14.25 4.90
CA ILE A 64 -4.37 14.22 3.48
C ILE A 64 -5.12 13.09 2.76
N GLN A 65 -5.00 11.86 3.26
CA GLN A 65 -5.59 10.73 2.58
C GLN A 65 -7.11 10.81 2.56
N SER A 66 -7.69 11.36 3.62
CA SER A 66 -9.16 11.36 3.76
C SER A 66 -9.80 12.23 2.68
N HIS A 67 -9.01 13.06 2.03
CA HIS A 67 -9.56 13.90 0.98
C HIS A 67 -9.17 13.47 -0.43
N LEU A 68 -8.46 12.34 -0.55
CA LEU A 68 -8.16 11.82 -1.87
C LEU A 68 -9.24 10.81 -2.28
N ARG A 69 -9.90 11.09 -3.40
CA ARG A 69 -10.93 10.21 -3.94
C ARG A 69 -10.63 9.88 -5.39
N HIS A 70 -10.00 8.73 -5.62
CA HIS A 70 -9.55 8.34 -6.96
C HIS A 70 -9.58 6.81 -7.02
N PRO A 71 -9.99 6.22 -8.17
CA PRO A 71 -10.09 4.76 -8.30
C PRO A 71 -8.78 4.01 -8.10
N ASN A 72 -7.65 4.69 -8.30
CA ASN A 72 -6.35 4.03 -8.13
C ASN A 72 -5.62 4.49 -6.87
N ILE A 73 -6.37 5.05 -5.93
CA ILE A 73 -5.83 5.37 -4.61
C ILE A 73 -6.74 4.75 -3.56
N LEU A 74 -6.16 3.97 -2.64
CA LEU A 74 -6.92 3.42 -1.52
C LEU A 74 -7.67 4.50 -0.75
N ARG A 75 -8.99 4.40 -0.67
CA ARG A 75 -9.79 5.35 0.09
C ARG A 75 -9.59 5.18 1.59
N LEU A 76 -9.56 6.30 2.29
CA LEU A 76 -9.75 6.32 3.73
C LEU A 76 -11.10 6.95 4.00
N TYR A 77 -12.02 6.13 4.52
CA TYR A 77 -13.40 6.55 4.67
C TYR A 77 -13.63 7.32 5.95
N GLY A 78 -12.77 7.11 6.93
CA GLY A 78 -12.92 7.76 8.22
C GLY A 78 -11.93 7.24 9.23
N TYR A 79 -12.01 7.77 10.44
CA TYR A 79 -11.09 7.38 11.50
C TYR A 79 -11.67 7.76 12.85
N PHE A 80 -11.17 7.10 13.89
CA PHE A 80 -11.65 7.34 15.23
C PHE A 80 -10.64 6.76 16.21
N HIS A 81 -10.90 6.88 17.50
CA HIS A 81 -9.96 6.33 18.48
C HIS A 81 -10.67 5.97 19.77
N ASP A 82 -10.04 5.13 20.58
CA ASP A 82 -10.55 4.89 21.93
C ASP A 82 -9.43 5.28 22.88
N ALA A 83 -9.39 4.73 24.08
CA ALA A 83 -8.40 5.18 25.05
C ALA A 83 -6.95 4.85 24.65
N THR A 84 -6.74 3.76 23.93
CA THR A 84 -5.40 3.28 23.69
C THR A 84 -5.03 2.98 22.24
N ARG A 85 -6.00 3.13 21.32
CA ARG A 85 -5.84 2.79 19.91
C ARG A 85 -6.39 3.84 18.97
N VAL A 86 -5.75 3.97 17.82
CA VAL A 86 -6.27 4.74 16.70
C VAL A 86 -6.80 3.76 15.64
N TYR A 87 -7.95 4.07 15.05
CA TYR A 87 -8.60 3.20 14.08
C TYR A 87 -8.79 3.93 12.75
N LEU A 88 -8.21 3.38 11.67
CA LEU A 88 -8.36 3.92 10.32
C LEU A 88 -9.26 3.00 9.48
N ILE A 89 -10.35 3.56 8.95
CA ILE A 89 -11.28 2.79 8.13
C ILE A 89 -10.89 2.88 6.66
N LEU A 90 -10.42 1.76 6.12
CA LEU A 90 -9.81 1.75 4.79
C LEU A 90 -10.51 0.86 3.75
N GLU A 91 -10.43 1.28 2.49
CA GLU A 91 -10.79 0.41 1.38
C GLU A 91 -9.94 -0.87 1.42
N TYR A 92 -10.58 -2.02 1.23
CA TYR A 92 -9.89 -3.29 1.17
C TYR A 92 -9.50 -3.63 -0.27
N ALA A 93 -8.22 -3.94 -0.48
CA ALA A 93 -7.75 -4.39 -1.79
C ALA A 93 -7.41 -5.85 -1.67
N PRO A 94 -8.14 -6.70 -2.40
CA PRO A 94 -8.08 -8.15 -2.14
C PRO A 94 -6.96 -8.93 -2.84
N LEU A 95 -6.29 -8.38 -3.85
CA LEU A 95 -5.34 -9.22 -4.61
C LEU A 95 -3.86 -8.99 -4.30
N GLY A 96 -3.54 -8.45 -3.14
CA GLY A 96 -2.14 -8.36 -2.74
C GLY A 96 -1.35 -7.24 -3.41
N THR A 97 -0.04 -7.28 -3.24
CA THR A 97 0.80 -6.19 -3.73
C THR A 97 1.33 -6.47 -5.12
N VAL A 98 1.73 -5.41 -5.81
CA VAL A 98 2.42 -5.54 -7.08
C VAL A 98 3.79 -6.18 -6.86
N TYR A 99 4.37 -5.89 -5.70
CA TYR A 99 5.61 -6.53 -5.25
C TYR A 99 5.56 -8.05 -5.36
N ARG A 100 4.48 -8.65 -4.85
CA ARG A 100 4.33 -10.09 -4.86
C ARG A 100 4.12 -10.60 -6.28
N GLU A 101 3.31 -9.87 -7.05
CA GLU A 101 3.07 -10.26 -8.43
CA GLU A 101 3.07 -10.24 -8.44
C GLU A 101 4.37 -10.26 -9.22
N LEU A 102 5.24 -9.30 -8.94
CA LEU A 102 6.53 -9.19 -9.63
C LEU A 102 7.46 -10.33 -9.20
N GLN A 103 7.40 -10.70 -7.93
CA GLN A 103 8.10 -11.90 -7.47
C GLN A 103 7.65 -13.12 -8.26
N LYS A 104 6.34 -13.33 -8.32
CA LYS A 104 5.81 -14.50 -8.99
C LYS A 104 6.20 -14.56 -10.47
N LEU A 105 6.12 -13.42 -11.16
CA LEU A 105 6.31 -13.42 -12.60
C LEU A 105 7.74 -13.04 -13.06
N SER A 106 8.54 -12.52 -12.12
CA SER A 106 9.90 -12.00 -12.39
C SER A 106 9.89 -10.69 -13.19
N LYS A 107 9.19 -10.67 -14.31
CA LYS A 107 9.11 -9.47 -15.16
C LYS A 107 7.70 -9.36 -15.70
N PHE A 108 7.24 -8.14 -15.95
CA PHE A 108 5.93 -7.93 -16.58
C PHE A 108 6.10 -7.71 -18.08
N ASP A 109 5.10 -8.09 -18.88
CA ASP A 109 5.16 -7.78 -20.31
C ASP A 109 4.71 -6.34 -20.55
N GLU A 110 4.76 -5.90 -21.80
CA GLU A 110 4.53 -4.49 -22.10
C GLU A 110 3.09 -4.04 -21.86
N GLN A 111 2.13 -4.93 -22.07
CA GLN A 111 0.72 -4.61 -21.86
C GLN A 111 0.38 -4.38 -20.38
N ARG A 112 0.90 -5.24 -19.51
CA ARG A 112 0.68 -5.11 -18.07
C ARG A 112 1.38 -3.87 -17.56
N THR A 113 2.60 -3.65 -18.05
CA THR A 113 3.40 -2.51 -17.63
C THR A 113 2.76 -1.20 -18.06
N ALA A 114 2.41 -1.08 -19.34
CA ALA A 114 1.78 0.16 -19.84
C ALA A 114 0.47 0.46 -19.12
N THR A 115 -0.28 -0.59 -18.82
CA THR A 115 -1.54 -0.47 -18.11
C THR A 115 -1.33 0.01 -16.65
N TYR A 116 -0.40 -0.61 -15.94
CA TYR A 116 -0.05 -0.17 -14.58
C TYR A 116 0.45 1.28 -14.55
N ILE A 117 1.35 1.60 -15.48
CA ILE A 117 1.90 2.95 -15.58
C ILE A 117 0.79 3.97 -15.90
N THR A 118 -0.18 3.58 -16.73
CA THR A 118 -1.34 4.43 -17.03
C THR A 118 -2.15 4.73 -15.77
N GLU A 119 -2.46 3.70 -14.98
CA GLU A 119 -3.21 3.88 -13.74
C GLU A 119 -2.44 4.75 -12.75
N LEU A 120 -1.13 4.54 -12.65
CA LEU A 120 -0.34 5.34 -11.73
C LEU A 120 -0.24 6.80 -12.17
N ALA A 121 -0.04 7.04 -13.45
CA ALA A 121 0.07 8.40 -13.94
C ALA A 121 -1.26 9.12 -13.69
N ASN A 122 -2.37 8.41 -13.88
CA ASN A 122 -3.68 8.97 -13.58
C ASN A 122 -3.85 9.36 -12.13
N ALA A 123 -3.49 8.46 -11.22
CA ALA A 123 -3.54 8.73 -9.79
C ALA A 123 -2.62 9.91 -9.42
N LEU A 124 -1.41 9.93 -9.99
CA LEU A 124 -0.45 10.99 -9.65
C LEU A 124 -0.90 12.35 -10.21
N SER A 125 -1.43 12.37 -11.42
CA SER A 125 -1.99 13.60 -11.98
C SER A 125 -3.09 14.19 -11.09
N TYR A 126 -3.99 13.33 -10.63
CA TYR A 126 -4.98 13.72 -9.64
C TYR A 126 -4.33 14.24 -8.35
N CYS A 127 -3.28 13.57 -7.85
CA CYS A 127 -2.62 14.05 -6.65
C CYS A 127 -2.02 15.44 -6.88
N HIS A 128 -1.38 15.64 -8.02
CA HIS A 128 -0.73 16.92 -8.27
C HIS A 128 -1.79 18.03 -8.41
N SER A 129 -2.96 17.68 -8.96
CA SER A 129 -4.03 18.66 -9.07
C SER A 129 -4.48 19.14 -7.69
N LYS A 130 -4.24 18.33 -6.66
CA LYS A 130 -4.58 18.71 -5.30
C LYS A 130 -3.35 19.16 -4.53
N ARG A 131 -2.28 19.46 -5.25
CA ARG A 131 -1.00 19.85 -4.64
C ARG A 131 -0.44 18.80 -3.68
N VAL A 132 -0.63 17.53 -4.03
CA VAL A 132 -0.11 16.43 -3.21
C VAL A 132 0.99 15.72 -3.97
N ILE A 133 2.16 15.57 -3.34
CA ILE A 133 3.30 14.87 -3.92
C ILE A 133 3.42 13.47 -3.29
N HIS A 134 3.54 12.43 -4.11
CA HIS A 134 3.62 11.06 -3.58
C HIS A 134 4.67 10.26 -4.32
N ARG A 135 5.92 10.42 -3.89
CA ARG A 135 7.09 9.83 -4.55
C ARG A 135 7.26 8.31 -4.36
N ASP A 136 6.88 7.83 -3.19
CA ASP A 136 7.05 6.41 -2.86
C ASP A 136 5.97 5.53 -3.50
N ILE A 137 6.24 5.07 -4.72
CA ILE A 137 5.30 4.17 -5.38
C ILE A 137 6.01 2.84 -5.69
N LYS A 138 6.94 2.47 -4.81
CA LYS A 138 7.57 1.15 -4.87
C LYS A 138 6.53 0.05 -4.96
N PRO A 139 6.91 -1.07 -5.59
CA PRO A 139 5.96 -2.15 -5.81
C PRO A 139 5.26 -2.63 -4.53
N GLU A 140 5.93 -2.56 -3.38
CA GLU A 140 5.32 -3.04 -2.16
C GLU A 140 4.25 -2.08 -1.64
N ASN A 141 4.21 -0.88 -2.19
CA ASN A 141 3.23 0.13 -1.77
C ASN A 141 2.02 0.23 -2.72
N LEU A 142 1.93 -0.73 -3.63
CA LEU A 142 0.86 -0.80 -4.63
C LEU A 142 0.05 -2.06 -4.38
N LEU A 143 -1.21 -1.89 -4.00
CA LEU A 143 -2.10 -3.03 -3.86
C LEU A 143 -2.92 -3.22 -5.15
N LEU A 144 -3.55 -4.37 -5.26
CA LEU A 144 -4.35 -4.70 -6.44
C LEU A 144 -5.79 -4.85 -6.01
N GLY A 145 -6.69 -4.15 -6.68
CA GLY A 145 -8.12 -4.27 -6.43
C GLY A 145 -8.66 -5.56 -7.04
N SER A 146 -9.97 -5.78 -6.93
CA SER A 146 -10.55 -7.06 -7.32
C SER A 146 -10.50 -7.28 -8.84
N ALA A 147 -10.42 -6.20 -9.60
CA ALA A 147 -10.29 -6.31 -11.06
C ALA A 147 -8.83 -6.27 -11.50
N GLY A 148 -7.90 -6.40 -10.55
CA GLY A 148 -6.48 -6.30 -10.84
C GLY A 148 -5.99 -4.88 -11.11
N GLU A 149 -6.78 -3.88 -10.72
CA GLU A 149 -6.37 -2.49 -10.93
C GLU A 149 -5.49 -2.03 -9.77
N LEU A 150 -4.58 -1.11 -10.06
CA LEU A 150 -3.62 -0.61 -9.08
C LEU A 150 -4.28 0.29 -8.03
N LYS A 151 -3.83 0.16 -6.79
CA LYS A 151 -4.28 1.01 -5.69
C LYS A 151 -3.05 1.47 -4.92
N ILE A 152 -2.67 2.73 -5.05
CA ILE A 152 -1.59 3.25 -4.21
C ILE A 152 -2.01 3.10 -2.76
N ALA A 153 -1.18 2.42 -1.97
CA ALA A 153 -1.64 1.95 -0.66
C ALA A 153 -0.85 2.46 0.52
N ASN A 154 0.11 3.35 0.27
CA ASN A 154 0.92 3.86 1.38
C ASN A 154 0.65 5.34 1.66
N PHE A 155 -0.59 5.76 1.45
CA PHE A 155 -1.06 6.98 2.09
C PHE A 155 -1.43 6.62 3.52
N GLY A 156 -1.59 7.61 4.39
CA GLY A 156 -1.92 7.33 5.78
C GLY A 156 -0.71 6.89 6.59
N TRP A 157 -0.84 5.77 7.29
CA TRP A 157 0.23 5.33 8.18
C TRP A 157 0.43 3.81 8.14
N SER A 158 1.68 3.36 8.12
CA SER A 158 1.95 1.93 8.09
C SER A 158 2.00 1.36 9.51
N VAL A 159 1.72 0.05 9.64
CA VAL A 159 1.84 -0.62 10.93
C VAL A 159 3.29 -0.95 11.24
N HIS A 160 4.18 -0.69 10.29
CA HIS A 160 5.58 -1.05 10.47
C HIS A 160 6.45 0.16 10.88
N ALA A 170 21.64 1.10 1.17
CA ALA A 170 21.83 1.13 -0.27
C ALA A 170 20.52 0.92 -1.05
N GLY A 171 19.48 0.45 -0.37
CA GLY A 171 18.16 0.29 -0.95
C GLY A 171 17.25 1.46 -0.58
N THR A 172 16.01 1.47 -1.10
CA THR A 172 15.05 2.57 -0.91
C THR A 172 15.54 3.85 -1.58
N LEU A 173 16.82 4.16 -1.35
CA LEU A 173 17.57 5.07 -2.21
C LEU A 173 17.37 4.76 -3.70
N ASP A 174 17.18 3.49 -4.01
CA ASP A 174 16.95 3.05 -5.39
C ASP A 174 15.90 3.85 -6.15
N TYR A 175 14.93 4.41 -5.44
CA TYR A 175 13.83 5.15 -6.08
C TYR A 175 13.95 6.66 -5.86
N LEU A 176 15.05 7.11 -5.27
CA LEU A 176 15.26 8.55 -5.04
C LEU A 176 15.85 9.24 -6.26
N PRO A 177 15.31 10.42 -6.62
CA PRO A 177 15.79 11.24 -7.73
C PRO A 177 17.11 11.95 -7.36
N PRO A 178 17.88 12.39 -8.36
CA PRO A 178 19.14 13.11 -8.09
C PRO A 178 18.95 14.32 -7.16
N GLU A 179 17.97 15.17 -7.41
CA GLU A 179 17.80 16.37 -6.59
C GLU A 179 17.57 16.02 -5.11
N MET A 180 16.98 14.86 -4.84
CA MET A 180 16.73 14.50 -3.45
C MET A 180 17.98 13.94 -2.78
N ILE A 181 18.74 13.12 -3.47
CA ILE A 181 19.90 12.55 -2.79
C ILE A 181 21.03 13.57 -2.66
N GLU A 182 21.04 14.59 -3.52
CA GLU A 182 22.04 15.64 -3.46
C GLU A 182 21.61 16.71 -2.46
N GLY A 183 20.44 16.55 -1.89
CA GLY A 183 19.95 17.46 -0.87
C GLY A 183 19.47 18.82 -1.34
N ARG A 184 19.02 18.90 -2.58
CA ARG A 184 18.53 20.17 -3.14
C ARG A 184 17.02 20.31 -2.97
N MET A 185 16.48 21.45 -3.39
CA MET A 185 15.03 21.64 -3.37
C MET A 185 14.36 20.66 -4.32
N HIS A 186 13.24 20.06 -3.92
CA HIS A 186 12.53 19.17 -4.85
C HIS A 186 11.03 19.49 -4.86
N ASP A 187 10.36 19.03 -5.93
CA ASP A 187 8.95 19.32 -6.14
C ASP A 187 8.20 18.08 -6.66
N GLU A 188 7.06 18.29 -7.30
CA GLU A 188 6.22 17.18 -7.71
C GLU A 188 6.84 16.35 -8.83
N LYS A 189 7.93 16.85 -9.44
CA LYS A 189 8.60 16.14 -10.53
C LYS A 189 9.39 14.93 -10.01
N VAL A 190 9.58 14.82 -8.69
CA VAL A 190 10.15 13.60 -8.13
C VAL A 190 9.25 12.41 -8.48
N ASP A 191 7.95 12.67 -8.65
CA ASP A 191 6.98 11.58 -8.92
C ASP A 191 7.17 11.03 -10.35
N LEU A 192 7.66 11.87 -11.24
CA LEU A 192 7.94 11.46 -12.62
C LEU A 192 9.18 10.57 -12.65
N TRP A 193 10.18 10.93 -11.85
CA TRP A 193 11.37 10.08 -11.71
C TRP A 193 10.96 8.69 -11.15
N SER A 194 10.18 8.66 -10.08
CA SER A 194 9.67 7.38 -9.55
C SER A 194 8.99 6.53 -10.60
N LEU A 195 8.18 7.17 -11.43
CA LEU A 195 7.43 6.49 -12.47
C LEU A 195 8.39 5.85 -13.48
N GLY A 196 9.49 6.53 -13.79
CA GLY A 196 10.52 5.95 -14.64
C GLY A 196 11.23 4.75 -14.02
N VAL A 197 11.62 4.87 -12.75
CA VAL A 197 12.24 3.75 -12.03
C VAL A 197 11.30 2.56 -12.03
N LEU A 198 10.05 2.81 -11.70
CA LEU A 198 9.06 1.74 -11.64
C LEU A 198 8.83 1.07 -12.99
N CYS A 199 8.70 1.88 -14.05
CA CYS A 199 8.52 1.32 -15.40
C CYS A 199 9.69 0.39 -15.74
N TYR A 200 10.90 0.83 -15.44
CA TYR A 200 12.09 0.01 -15.68
C TYR A 200 12.03 -1.27 -14.87
N GLU A 201 11.70 -1.16 -13.59
CA GLU A 201 11.65 -2.34 -12.73
C GLU A 201 10.56 -3.30 -13.18
N PHE A 202 9.41 -2.78 -13.61
CA PHE A 202 8.35 -3.64 -14.15
C PHE A 202 8.85 -4.48 -15.33
N LEU A 203 9.58 -3.85 -16.25
CA LEU A 203 9.99 -4.52 -17.49
C LEU A 203 11.24 -5.38 -17.30
N VAL A 204 12.12 -4.96 -16.40
CA VAL A 204 13.43 -5.60 -16.25
C VAL A 204 13.50 -6.52 -15.04
N GLY A 205 12.75 -6.19 -13.99
CA GLY A 205 12.66 -7.08 -12.85
C GLY A 205 13.52 -6.58 -11.71
N LYS A 206 14.27 -5.52 -11.97
CA LYS A 206 15.06 -4.85 -10.94
C LYS A 206 15.16 -3.34 -11.26
N PRO A 207 15.40 -2.50 -10.25
CA PRO A 207 15.49 -1.07 -10.55
C PRO A 207 16.81 -0.71 -11.25
N PRO A 208 16.83 0.38 -12.01
CA PRO A 208 17.97 0.65 -12.90
C PRO A 208 19.27 1.05 -12.24
N PHE A 209 19.27 1.51 -11.00
CA PHE A 209 20.49 2.01 -10.37
C PHE A 209 20.97 1.15 -9.21
N GLU A 210 20.52 -0.10 -9.19
CA GLU A 210 20.88 -1.04 -8.15
C GLU A 210 22.41 -1.28 -8.06
N ALA A 211 22.96 -1.22 -6.86
CA ALA A 211 24.38 -1.49 -6.64
C ALA A 211 24.61 -2.04 -5.24
N ASN A 212 25.82 -2.55 -5.00
CA ASN A 212 26.17 -3.16 -3.72
C ASN A 212 26.24 -2.19 -2.54
N THR A 213 26.79 -0.99 -2.76
CA THR A 213 27.02 -0.04 -1.69
C THR A 213 26.18 1.21 -1.82
N TYR A 214 25.93 1.87 -0.69
CA TYR A 214 25.31 3.19 -0.66
C TYR A 214 26.05 4.16 -1.56
N GLN A 215 27.37 4.22 -1.36
CA GLN A 215 28.22 5.14 -2.09
C GLN A 215 28.08 4.96 -3.60
N GLU A 216 28.08 3.72 -4.07
CA GLU A 216 28.01 3.45 -5.51
C GLU A 216 26.59 3.65 -6.08
N THR A 217 25.57 3.48 -5.25
CA THR A 217 24.23 3.68 -5.78
C THR A 217 24.01 5.18 -5.97
N TYR A 218 24.53 5.97 -5.02
CA TYR A 218 24.47 7.44 -5.07
C TYR A 218 25.07 7.92 -6.39
N LYS A 219 26.23 7.38 -6.73
CA LYS A 219 26.96 7.71 -7.94
C LYS A 219 26.13 7.51 -9.20
N ARG A 220 25.56 6.32 -9.33
CA ARG A 220 24.77 5.97 -10.51
C ARG A 220 23.54 6.86 -10.71
N ILE A 221 22.84 7.17 -9.62
CA ILE A 221 21.67 8.04 -9.66
C ILE A 221 22.08 9.46 -10.02
N SER A 222 22.95 10.04 -9.19
CA SER A 222 23.47 11.38 -9.38
C SER A 222 23.99 11.63 -10.80
N ARG A 223 24.58 10.62 -11.43
CA ARG A 223 25.08 10.76 -12.78
C ARG A 223 24.11 10.19 -13.84
N VAL A 224 22.99 9.67 -13.37
CA VAL A 224 21.99 9.01 -14.23
C VAL A 224 22.67 7.99 -15.13
N GLU A 225 23.35 7.03 -14.51
CA GLU A 225 24.02 5.97 -15.25
C GLU A 225 23.31 4.64 -15.08
N PHE A 226 22.77 4.11 -16.18
CA PHE A 226 22.05 2.86 -16.17
C PHE A 226 22.06 2.34 -17.59
N THR A 227 21.75 1.06 -17.76
CA THR A 227 21.68 0.47 -19.09
C THR A 227 20.44 -0.39 -19.28
N PHE A 228 19.94 -0.45 -20.52
CA PHE A 228 18.80 -1.29 -20.85
C PHE A 228 19.24 -2.68 -21.28
N PRO A 229 18.56 -3.72 -20.78
CA PRO A 229 18.65 -5.04 -21.41
C PRO A 229 18.25 -4.95 -22.87
N ASP A 230 18.76 -5.86 -23.69
CA ASP A 230 18.51 -5.77 -25.13
C ASP A 230 17.06 -6.11 -25.46
N PHE A 231 16.31 -6.72 -24.56
CA PHE A 231 14.93 -7.03 -24.88
C PHE A 231 14.00 -5.83 -24.70
N VAL A 232 14.46 -4.77 -24.04
CA VAL A 232 13.60 -3.59 -23.85
C VAL A 232 13.44 -2.82 -25.17
N THR A 233 12.21 -2.70 -25.64
CA THR A 233 11.88 -2.08 -26.92
C THR A 233 12.14 -0.58 -27.00
N GLU A 234 12.16 -0.06 -28.21
CA GLU A 234 12.50 1.35 -28.42
C GLU A 234 11.47 2.29 -27.78
N GLY A 235 10.20 1.94 -27.88
CA GLY A 235 9.17 2.74 -27.26
C GLY A 235 9.37 2.85 -25.75
N ALA A 236 9.65 1.71 -25.12
CA ALA A 236 9.88 1.66 -23.67
C ALA A 236 11.12 2.43 -23.25
N ARG A 237 12.19 2.31 -24.03
CA ARG A 237 13.41 3.04 -23.74
C ARG A 237 13.18 4.52 -23.83
N ASP A 238 12.41 4.93 -24.84
CA ASP A 238 12.16 6.35 -25.03
C ASP A 238 11.42 6.95 -23.83
N LEU A 239 10.35 6.29 -23.38
CA LEU A 239 9.59 6.77 -22.23
C LEU A 239 10.44 6.83 -20.95
N ILE A 240 11.16 5.76 -20.66
CA ILE A 240 11.96 5.68 -19.45
C ILE A 240 13.08 6.73 -19.44
N SER A 241 13.70 6.95 -20.59
CA SER A 241 14.75 7.96 -20.69
C SER A 241 14.22 9.36 -20.50
N ARG A 242 13.00 9.61 -20.96
CA ARG A 242 12.39 10.92 -20.77
C ARG A 242 12.08 11.16 -19.30
N LEU A 243 11.68 10.09 -18.61
CA LEU A 243 11.33 10.17 -17.19
C LEU A 243 12.55 10.30 -16.30
N LEU A 244 13.63 9.60 -16.63
CA LEU A 244 14.84 9.64 -15.81
C LEU A 244 15.81 10.70 -16.31
N LYS A 245 15.33 11.94 -16.38
CA LYS A 245 16.18 13.08 -16.69
C LYS A 245 16.69 13.66 -15.40
N HIS A 246 17.96 14.11 -15.41
CA HIS A 246 18.57 14.67 -14.22
C HIS A 246 17.87 15.95 -13.79
N ASN A 247 17.56 16.78 -14.77
CA ASN A 247 16.85 18.04 -14.55
C ASN A 247 15.34 17.81 -14.47
N PRO A 248 14.71 18.14 -13.32
CA PRO A 248 13.28 17.88 -13.13
C PRO A 248 12.39 18.56 -14.19
N SER A 249 12.74 19.77 -14.64
CA SER A 249 11.87 20.50 -15.55
C SER A 249 11.92 19.88 -16.93
N GLN A 250 12.89 19.01 -17.17
CA GLN A 250 12.98 18.33 -18.46
C GLN A 250 12.23 16.99 -18.47
N ARG A 251 11.71 16.59 -17.31
CA ARG A 251 10.86 15.41 -17.24
C ARG A 251 9.46 15.78 -17.76
N PRO A 252 8.77 14.84 -18.41
CA PRO A 252 7.47 15.20 -18.98
C PRO A 252 6.43 15.47 -17.92
N MET A 253 5.34 16.14 -18.31
CA MET A 253 4.17 16.18 -17.47
C MET A 253 3.45 14.84 -17.55
N LEU A 254 2.63 14.54 -16.55
CA LEU A 254 1.96 13.25 -16.51
C LEU A 254 1.02 13.11 -17.70
N ARG A 255 0.39 14.20 -18.12
CA ARG A 255 -0.48 14.16 -19.29
C ARG A 255 0.32 13.74 -20.51
N GLU A 256 1.60 14.10 -20.57
CA GLU A 256 2.45 13.67 -21.68
C GLU A 256 2.81 12.18 -21.60
N VAL A 257 2.92 11.64 -20.39
CA VAL A 257 3.11 10.21 -20.26
C VAL A 257 1.89 9.49 -20.80
N LEU A 258 0.71 9.97 -20.40
CA LEU A 258 -0.54 9.34 -20.81
C LEU A 258 -0.78 9.48 -22.32
N GLU A 259 -0.07 10.41 -22.98
CA GLU A 259 -0.15 10.57 -24.43
C GLU A 259 0.97 9.85 -25.21
N HIS A 260 1.95 9.31 -24.48
CA HIS A 260 3.10 8.66 -25.12
C HIS A 260 2.64 7.49 -25.99
N PRO A 261 3.20 7.39 -27.21
CA PRO A 261 2.81 6.36 -28.17
C PRO A 261 2.97 4.96 -27.59
N TRP A 262 4.04 4.71 -26.84
CA TRP A 262 4.26 3.38 -26.25
C TRP A 262 3.18 3.06 -25.21
N ILE A 263 2.82 4.04 -24.38
CA ILE A 263 1.72 3.86 -23.45
C ILE A 263 0.39 3.60 -24.18
N THR A 264 0.07 4.45 -25.16
CA THR A 264 -1.25 4.36 -25.79
C THR A 264 -1.39 3.05 -26.56
N ALA A 265 -0.31 2.59 -27.18
CA ALA A 265 -0.37 1.39 -27.99
C ALA A 265 -0.48 0.11 -27.18
N ASN A 266 0.14 0.08 -26.00
CA ASN A 266 0.25 -1.17 -25.27
C ASN A 266 -0.68 -1.33 -24.09
N SER A 267 -1.31 -0.24 -23.64
CA SER A 267 -2.22 -0.35 -22.52
C SER A 267 -3.53 -0.99 -22.96
N SER A 268 -4.32 -1.42 -21.99
CA SER A 268 -5.64 -1.94 -22.30
C SER A 268 -6.63 -1.55 -21.21
N LYS A 269 -7.91 -1.54 -21.57
CA LYS A 269 -9.03 -1.40 -20.63
C LYS A 269 -9.73 -2.76 -20.60
N PRO A 270 -10.51 -3.03 -19.53
CA PRO A 270 -11.08 -4.38 -19.37
C PRO A 270 -11.94 -4.88 -20.55
N SER A 271 -11.88 -6.18 -20.81
CA SER A 271 -12.70 -6.83 -21.84
C SER A 271 -12.98 -8.29 -21.46
N ASN A 272 -13.52 -9.06 -22.40
CA ASN A 272 -13.74 -10.49 -22.18
C ASN A 272 -12.51 -11.32 -22.54
N GLU B 5 -17.74 -16.52 3.04
CA GLU B 5 -16.80 -17.55 3.43
C GLU B 5 -15.84 -17.03 4.50
N GLU B 6 -15.78 -15.70 4.62
CA GLU B 6 -14.91 -15.09 5.60
C GLU B 6 -15.73 -14.75 6.84
N SER B 7 -15.19 -15.08 8.01
CA SER B 7 -15.93 -14.88 9.26
C SER B 7 -15.55 -13.58 9.96
N PHE B 8 -16.52 -12.97 10.64
CA PHE B 8 -16.31 -11.73 11.35
C PHE B 8 -16.83 -11.83 12.78
N ARG B 9 -16.14 -11.19 13.72
CA ARG B 9 -16.51 -11.27 15.13
C ARG B 9 -16.62 -9.91 15.79
N ASP B 10 -17.25 -9.86 16.96
CA ASP B 10 -17.24 -8.66 17.77
C ASP B 10 -15.79 -8.25 18.08
N PRO B 11 -15.48 -6.94 18.00
CA PRO B 11 -14.11 -6.45 18.23
C PRO B 11 -13.52 -6.85 19.57
N ALA B 12 -14.37 -7.02 20.58
CA ALA B 12 -13.93 -7.45 21.90
C ALA B 12 -13.34 -8.87 21.89
N GLU B 13 -13.72 -9.69 20.91
CA GLU B 13 -13.22 -11.05 20.81
C GLU B 13 -11.92 -11.15 20.02
N VAL B 14 -11.51 -10.05 19.38
CA VAL B 14 -10.38 -10.10 18.47
C VAL B 14 -9.21 -9.23 18.93
N LEU B 15 -9.48 -7.97 19.22
CA LEU B 15 -8.43 -7.04 19.59
C LEU B 15 -7.76 -7.44 20.90
N GLY B 16 -6.44 -7.50 20.88
CA GLY B 16 -5.67 -7.77 22.09
C GLY B 16 -5.61 -9.23 22.46
N THR B 17 -5.98 -10.11 21.54
CA THR B 17 -5.92 -11.55 21.81
C THR B 17 -4.47 -12.03 21.75
N GLY B 18 -3.67 -11.35 20.93
CA GLY B 18 -2.24 -11.61 20.91
C GLY B 18 -1.58 -11.23 22.24
N ALA B 19 -2.09 -10.17 22.86
CA ALA B 19 -1.55 -9.68 24.13
C ALA B 19 -1.96 -10.55 25.32
N GLU B 20 -3.23 -10.98 25.34
CA GLU B 20 -3.77 -11.74 26.47
C GLU B 20 -3.55 -13.25 26.31
N VAL B 21 -2.46 -13.62 25.64
CA VAL B 21 -2.17 -15.03 25.35
C VAL B 21 -2.16 -15.92 26.60
N ASP B 22 -1.63 -15.41 27.71
CA ASP B 22 -1.59 -16.19 28.95
C ASP B 22 -2.98 -16.40 29.53
N TYR B 23 -3.84 -15.41 29.40
CA TYR B 23 -5.19 -15.51 29.95
C TYR B 23 -6.09 -16.35 29.03
N LEU B 24 -5.64 -16.58 27.80
CA LEU B 24 -6.37 -17.42 26.85
C LEU B 24 -5.94 -18.88 26.94
N GLU B 25 -5.14 -19.21 27.96
CA GLU B 25 -4.70 -20.57 28.16
C GLU B 25 -5.36 -21.16 29.42
N GLN B 26 -6.18 -22.18 29.24
CA GLN B 26 -6.85 -22.80 30.40
C GLN B 26 -6.85 -24.29 30.21
N PHE B 27 -6.10 -25.00 31.05
CA PHE B 27 -5.98 -26.46 30.93
C PHE B 27 -7.35 -27.11 30.98
N GLY B 28 -7.60 -28.05 30.06
CA GLY B 28 -8.78 -28.89 30.11
C GLY B 28 -10.03 -28.32 29.46
N THR B 29 -9.90 -27.14 28.86
CA THR B 29 -11.05 -26.44 28.27
C THR B 29 -11.82 -27.28 27.25
N SER B 30 -11.14 -27.77 26.20
CA SER B 30 -11.83 -28.45 25.12
C SER B 30 -12.35 -29.82 25.58
N SER B 31 -11.60 -30.49 26.45
CA SER B 31 -12.06 -31.77 26.98
C SER B 31 -13.30 -31.57 27.88
N PHE B 32 -13.28 -30.51 28.70
CA PHE B 32 -14.42 -30.25 29.57
C PHE B 32 -15.67 -29.82 28.78
N LYS B 33 -15.49 -28.94 27.81
CA LYS B 33 -16.62 -28.48 27.01
C LYS B 33 -17.24 -29.64 26.24
N GLU B 34 -16.40 -30.54 25.72
CA GLU B 34 -16.92 -31.69 24.99
C GLU B 34 -17.78 -32.53 25.92
N SER B 35 -17.24 -32.88 27.08
CA SER B 35 -17.97 -33.75 27.98
C SER B 35 -19.16 -33.03 28.61
N ALA B 36 -19.15 -31.69 28.59
CA ALA B 36 -20.30 -30.93 29.06
C ALA B 36 -21.44 -31.10 28.06
N LEU B 37 -21.13 -30.94 26.77
CA LEU B 37 -22.10 -31.15 25.70
C LEU B 37 -22.75 -32.52 25.74
N ARG B 38 -21.96 -33.55 26.04
CA ARG B 38 -22.44 -34.93 26.03
C ARG B 38 -23.17 -35.34 27.31
N LYS B 39 -22.98 -34.60 28.39
CA LYS B 39 -23.65 -34.98 29.62
C LYS B 39 -25.00 -34.28 29.77
N GLN B 40 -25.92 -34.98 30.41
CA GLN B 40 -27.25 -34.44 30.67
C GLN B 40 -27.34 -33.91 32.09
N SER B 41 -28.09 -32.84 32.25
CA SER B 41 -28.41 -32.33 33.58
C SER B 41 -29.83 -32.78 33.92
N LEU B 42 -29.92 -33.66 34.92
CA LEU B 42 -31.21 -34.23 35.31
C LEU B 42 -32.06 -33.24 36.10
N TYR B 43 -33.35 -33.22 35.79
CA TYR B 43 -34.37 -32.44 36.48
C TYR B 43 -34.21 -32.49 38.01
N LEU B 44 -34.42 -31.37 38.67
CA LEU B 44 -34.22 -31.30 40.11
C LEU B 44 -35.41 -31.84 40.90
N LYS B 45 -35.33 -33.10 41.29
CA LYS B 45 -36.41 -33.74 42.05
C LYS B 45 -36.14 -33.61 43.55
N PHE B 46 -37.19 -33.22 44.28
CA PHE B 46 -37.16 -33.03 45.74
C PHE B 46 -36.18 -31.93 46.14
#